data_5NCI
#
_entry.id   5NCI
#
_cell.length_a   148.720
_cell.length_b   56.061
_cell.length_c   73.534
_cell.angle_alpha   90.00
_cell.angle_beta   111.95
_cell.angle_gamma   90.00
#
_symmetry.space_group_name_H-M   'C 1 2 1'
#
loop_
_entity.id
_entity.type
_entity.pdbx_description
1 polymer 'Leucine hydroxylase'
2 non-polymer 'COBALT (II) ION'
3 non-polymer '2-OXOGLUTARIC ACID'
4 non-polymer LEUCINE
5 non-polymer 'SODIUM ION'
6 water water
#
_entity_poly.entity_id   1
_entity_poly.type   'polypeptide(L)'
_entity_poly.pdbx_seq_one_letter_code
;GGRMQLTADQVEKYKSDGYVLLEGAFSPEEVHVMRQALKKDQEVQGPHRILEEDGRTVRALYASHTRQSVFDQLSRSDRL
LGPATQLLECDLYIHQFKINTKRAFGGDSWAWHQDFIVWRDTDGLPAPRAVNVGVFLSDVTEFNGPVVFLSGSHQRGTVE
RKARETSRSDQHVDPDDYSMTPAELSQMVEKHPMVSPKAASGSVMLFHPEIIHGSAPNISPFARDLLIITYNDVANAPKP
AGEPRPEYVIGRDTTPLVSRSGPLHEAA
;
_entity_poly.pdbx_strand_id   A,B
#
loop_
_chem_comp.id
_chem_comp.type
_chem_comp.name
_chem_comp.formula
AKG non-polymer '2-OXOGLUTARIC ACID' 'C5 H6 O5'
CO non-polymer 'COBALT (II) ION' 'Co 2'
NA non-polymer 'SODIUM ION' 'Na 1'
#
# COMPACT_ATOMS: atom_id res chain seq x y z
N MET A 4 19.97 -0.93 -28.49
CA MET A 4 19.30 -0.89 -27.16
C MET A 4 19.76 -2.08 -26.37
N GLN A 5 20.48 -1.80 -25.29
CA GLN A 5 21.27 -2.80 -24.59
C GLN A 5 21.28 -2.46 -23.11
N LEU A 6 21.49 -3.47 -22.30
CA LEU A 6 21.68 -3.28 -20.88
C LEU A 6 23.15 -3.07 -20.61
N THR A 7 23.46 -2.28 -19.59
CA THR A 7 24.84 -2.21 -19.16
C THR A 7 25.22 -3.52 -18.46
N ALA A 8 26.52 -3.73 -18.32
CA ALA A 8 26.95 -4.92 -17.62
C ALA A 8 26.44 -4.93 -16.17
N ASP A 9 26.40 -3.75 -15.52
CA ASP A 9 25.84 -3.67 -14.16
C ASP A 9 24.36 -4.05 -14.15
N GLN A 10 23.61 -3.62 -15.17
CA GLN A 10 22.18 -3.94 -15.23
C GLN A 10 21.96 -5.44 -15.43
N VAL A 11 22.80 -6.09 -16.23
CA VAL A 11 22.68 -7.54 -16.37
C VAL A 11 22.95 -8.22 -15.04
N GLU A 12 23.99 -7.76 -14.33
CA GLU A 12 24.29 -8.37 -13.02
C GLU A 12 23.18 -8.10 -12.02
N LYS A 13 22.55 -6.94 -12.12
N LYS A 13 22.53 -6.95 -12.13
CA LYS A 13 21.42 -6.63 -11.25
CA LYS A 13 21.42 -6.65 -11.22
C LYS A 13 20.28 -7.62 -11.49
C LYS A 13 20.26 -7.61 -11.48
N TYR A 14 19.92 -7.85 -12.75
CA TYR A 14 18.88 -8.81 -13.08
C TYR A 14 19.24 -10.21 -12.57
N LYS A 15 20.49 -10.63 -12.76
CA LYS A 15 20.89 -11.96 -12.30
C LYS A 15 20.80 -12.09 -10.79
N SER A 16 21.28 -11.09 -10.06
N SER A 16 21.26 -11.08 -10.04
CA SER A 16 21.35 -11.19 -8.60
CA SER A 16 21.36 -11.21 -8.59
C SER A 16 20.00 -10.92 -7.96
C SER A 16 20.04 -10.88 -7.89
N ASP A 17 19.33 -9.84 -8.35
CA ASP A 17 18.14 -9.37 -7.66
C ASP A 17 16.84 -9.81 -8.32
N GLY A 18 16.88 -10.21 -9.59
CA GLY A 18 15.69 -10.71 -10.25
C GLY A 18 14.86 -9.69 -10.97
N TYR A 19 15.31 -8.43 -11.02
CA TYR A 19 14.58 -7.36 -11.67
C TYR A 19 15.61 -6.28 -12.01
N VAL A 20 15.27 -5.44 -12.98
CA VAL A 20 16.08 -4.27 -13.29
C VAL A 20 15.15 -3.21 -13.87
N LEU A 21 15.44 -1.96 -13.49
CA LEU A 21 14.59 -0.82 -13.84
C LEU A 21 15.32 0.08 -14.83
N LEU A 22 14.69 0.32 -15.99
CA LEU A 22 15.16 1.25 -17.02
C LEU A 22 14.24 2.48 -17.07
N GLU A 23 14.65 3.55 -16.41
CA GLU A 23 13.82 4.75 -16.35
C GLU A 23 13.83 5.52 -17.67
N GLY A 24 12.66 6.07 -18.01
CA GLY A 24 12.59 6.97 -19.16
C GLY A 24 12.79 6.32 -20.52
N ALA A 25 12.50 5.03 -20.65
CA ALA A 25 12.73 4.35 -21.91
C ALA A 25 11.82 4.88 -23.02
N PHE A 26 10.55 5.19 -22.70
CA PHE A 26 9.60 5.80 -23.62
C PHE A 26 9.30 7.23 -23.21
N SER A 27 9.17 8.12 -24.19
CA SER A 27 9.06 9.53 -23.90
C SER A 27 7.60 9.89 -23.60
N PRO A 28 7.35 11.09 -23.05
CA PRO A 28 5.97 11.43 -22.67
C PRO A 28 4.99 11.37 -23.80
N GLU A 29 5.37 11.75 -25.03
CA GLU A 29 4.41 11.70 -26.10
C GLU A 29 4.11 10.27 -26.51
N GLU A 30 5.08 9.36 -26.37
CA GLU A 30 4.77 7.96 -26.61
C GLU A 30 3.85 7.43 -25.53
N VAL A 31 4.04 7.88 -24.28
CA VAL A 31 3.12 7.50 -23.22
C VAL A 31 1.71 8.02 -23.51
N HIS A 32 1.58 9.25 -24.04
CA HIS A 32 0.28 9.79 -24.43
C HIS A 32 -0.42 8.86 -25.43
N VAL A 33 0.30 8.44 -26.47
CA VAL A 33 -0.30 7.63 -27.51
C VAL A 33 -0.72 6.28 -26.96
N MET A 34 0.12 5.68 -26.09
CA MET A 34 -0.21 4.39 -25.48
C MET A 34 -1.40 4.51 -24.53
N ARG A 35 -1.45 5.57 -23.71
CA ARG A 35 -2.59 5.69 -22.80
C ARG A 35 -3.89 5.90 -23.58
N GLN A 36 -3.85 6.61 -24.71
CA GLN A 36 -5.07 6.77 -25.47
C GLN A 36 -5.53 5.44 -26.05
N ALA A 37 -4.58 4.62 -26.51
CA ALA A 37 -4.93 3.31 -27.03
C ALA A 37 -5.46 2.38 -25.93
N LEU A 38 -4.93 2.52 -24.70
CA LEU A 38 -5.45 1.76 -23.56
C LEU A 38 -6.90 2.14 -23.29
N LYS A 39 -7.19 3.43 -23.28
CA LYS A 39 -8.56 3.87 -23.03
C LYS A 39 -9.50 3.35 -24.11
N LYS A 40 -9.07 3.36 -25.36
CA LYS A 40 -9.88 2.82 -26.42
C LYS A 40 -10.08 1.32 -26.24
N ASP A 41 -9.00 0.62 -25.91
CA ASP A 41 -9.06 -0.84 -25.85
C ASP A 41 -9.90 -1.32 -24.67
N GLN A 42 -9.98 -0.56 -23.59
CA GLN A 42 -10.74 -0.96 -22.41
C GLN A 42 -12.22 -1.06 -22.71
N GLU A 43 -12.66 -0.43 -23.79
CA GLU A 43 -14.08 -0.46 -24.17
C GLU A 43 -14.43 -1.68 -25.00
N VAL A 44 -13.46 -2.44 -25.49
CA VAL A 44 -13.75 -3.59 -26.31
C VAL A 44 -14.22 -4.72 -25.41
N GLN A 45 -15.43 -5.19 -25.64
CA GLN A 45 -15.98 -6.26 -24.83
C GLN A 45 -15.41 -7.60 -25.28
N GLY A 46 -15.27 -8.52 -24.33
CA GLY A 46 -14.85 -9.85 -24.66
C GLY A 46 -14.16 -10.54 -23.50
N PRO A 47 -13.83 -11.81 -23.70
CA PRO A 47 -13.29 -12.60 -22.58
C PRO A 47 -11.90 -12.18 -22.16
N HIS A 48 -11.18 -11.45 -23.00
CA HIS A 48 -9.88 -10.91 -22.67
C HIS A 48 -9.96 -9.72 -21.72
N ARG A 49 -11.18 -9.23 -21.41
CA ARG A 49 -11.35 -8.07 -20.53
C ARG A 49 -11.87 -8.53 -19.18
N ILE A 50 -11.06 -8.36 -18.15
CA ILE A 50 -11.34 -8.89 -16.83
C ILE A 50 -11.69 -7.73 -15.91
N LEU A 51 -12.91 -7.72 -15.37
CA LEU A 51 -13.28 -6.68 -14.43
C LEU A 51 -12.74 -6.97 -13.03
N GLU A 52 -12.63 -5.92 -12.23
CA GLU A 52 -12.45 -6.09 -10.80
C GLU A 52 -13.64 -6.86 -10.25
N GLU A 53 -13.43 -7.47 -9.08
CA GLU A 53 -14.54 -8.21 -8.49
C GLU A 53 -15.70 -7.29 -8.16
N ASP A 54 -15.42 -6.03 -7.82
CA ASP A 54 -16.51 -5.11 -7.47
C ASP A 54 -17.18 -4.52 -8.70
N GLY A 55 -16.76 -4.89 -9.90
CA GLY A 55 -17.45 -4.57 -11.13
C GLY A 55 -17.31 -3.14 -11.65
N ARG A 56 -16.55 -2.27 -10.97
CA ARG A 56 -16.58 -0.85 -11.31
C ARG A 56 -15.64 -0.50 -12.44
N THR A 57 -14.53 -1.21 -12.55
CA THR A 57 -13.49 -0.87 -13.52
C THR A 57 -12.88 -2.16 -14.03
N VAL A 58 -12.17 -2.05 -15.16
CA VAL A 58 -11.33 -3.12 -15.67
C VAL A 58 -10.15 -3.34 -14.73
N ARG A 59 -9.86 -4.59 -14.40
CA ARG A 59 -8.70 -5.02 -13.64
C ARG A 59 -7.54 -5.47 -14.53
N ALA A 60 -7.84 -6.15 -15.64
CA ALA A 60 -6.80 -6.64 -16.54
C ALA A 60 -7.36 -6.75 -17.96
N LEU A 61 -6.50 -6.43 -18.93
CA LEU A 61 -6.81 -6.55 -20.36
C LEU A 61 -5.75 -7.42 -20.99
N TYR A 62 -6.16 -8.39 -21.78
CA TYR A 62 -5.22 -9.26 -22.47
C TYR A 62 -5.20 -8.96 -23.97
N ALA A 63 -3.99 -9.06 -24.54
CA ALA A 63 -3.75 -9.09 -25.99
C ALA A 63 -4.08 -7.76 -26.70
N SER A 64 -3.84 -6.63 -26.04
CA SER A 64 -4.13 -5.34 -26.67
C SER A 64 -3.31 -5.13 -27.94
N HIS A 65 -2.17 -5.81 -28.07
CA HIS A 65 -1.35 -5.67 -29.25
C HIS A 65 -1.99 -6.28 -30.50
N THR A 66 -3.02 -7.09 -30.33
CA THR A 66 -3.76 -7.61 -31.47
C THR A 66 -4.87 -6.66 -31.93
N ARG A 67 -5.12 -5.59 -31.20
CA ARG A 67 -6.21 -4.67 -31.55
C ARG A 67 -5.77 -3.24 -31.75
N GLN A 68 -4.69 -2.79 -31.11
CA GLN A 68 -4.22 -1.42 -31.21
C GLN A 68 -2.80 -1.43 -31.77
N SER A 69 -2.61 -0.66 -32.82
CA SER A 69 -1.35 -0.66 -33.54
C SER A 69 -0.18 -0.28 -32.63
N VAL A 70 -0.36 0.71 -31.75
CA VAL A 70 0.76 1.17 -30.96
C VAL A 70 1.25 0.06 -30.02
N PHE A 71 0.36 -0.84 -29.59
CA PHE A 71 0.82 -1.90 -28.70
C PHE A 71 1.51 -3.01 -29.48
N ASP A 72 1.12 -3.24 -30.73
CA ASP A 72 1.90 -4.08 -31.62
C ASP A 72 3.30 -3.51 -31.84
N GLN A 73 3.38 -2.20 -32.14
CA GLN A 73 4.69 -1.53 -32.27
C GLN A 73 5.52 -1.68 -31.01
N LEU A 74 4.91 -1.40 -29.86
CA LEU A 74 5.60 -1.55 -28.58
C LEU A 74 6.22 -2.93 -28.44
N SER A 75 5.45 -3.97 -28.75
CA SER A 75 5.86 -5.34 -28.49
C SER A 75 7.07 -5.74 -29.32
N ARG A 76 7.30 -5.04 -30.42
CA ARG A 76 8.43 -5.27 -31.32
C ARG A 76 9.54 -4.24 -31.13
N SER A 77 9.38 -3.28 -30.23
N SER A 77 9.38 -3.32 -30.19
CA SER A 77 10.38 -2.22 -30.12
CA SER A 77 10.37 -2.27 -30.01
C SER A 77 11.71 -2.78 -29.63
C SER A 77 11.73 -2.84 -29.64
N ASP A 78 12.78 -2.29 -30.24
CA ASP A 78 14.11 -2.70 -29.83
C ASP A 78 14.43 -2.24 -28.41
N ARG A 79 13.71 -1.24 -27.88
CA ARG A 79 13.90 -0.85 -26.49
C ARG A 79 13.43 -1.93 -25.51
N LEU A 80 12.60 -2.88 -25.95
CA LEU A 80 12.18 -4.00 -25.13
C LEU A 80 12.89 -5.28 -25.56
N LEU A 81 12.94 -5.54 -26.87
CA LEU A 81 13.56 -6.77 -27.37
C LEU A 81 15.08 -6.80 -27.22
N GLY A 82 15.75 -5.64 -27.26
CA GLY A 82 17.19 -5.59 -27.10
C GLY A 82 17.57 -6.13 -25.73
N PRO A 83 17.03 -5.52 -24.67
CA PRO A 83 17.26 -6.06 -23.32
C PRO A 83 16.80 -7.50 -23.11
N ALA A 84 15.62 -7.87 -23.60
CA ALA A 84 15.13 -9.23 -23.36
C ALA A 84 16.04 -10.25 -24.05
N THR A 85 16.48 -9.94 -25.28
CA THR A 85 17.36 -10.83 -26.03
C THR A 85 18.72 -10.94 -25.36
N GLN A 86 19.21 -9.85 -24.79
CA GLN A 86 20.49 -9.88 -24.10
C GLN A 86 20.43 -10.81 -22.89
N LEU A 87 19.30 -10.84 -22.19
CA LEU A 87 19.15 -11.67 -20.99
C LEU A 87 18.91 -13.14 -21.32
N LEU A 88 18.18 -13.45 -22.40
CA LEU A 88 17.83 -14.82 -22.70
C LEU A 88 18.68 -15.44 -23.80
N GLU A 89 19.33 -14.62 -24.63
CA GLU A 89 20.27 -15.06 -25.67
C GLU A 89 19.64 -16.04 -26.65
N CYS A 90 18.46 -15.68 -27.14
CA CYS A 90 17.73 -16.55 -28.06
C CYS A 90 16.74 -15.70 -28.86
N ASP A 91 16.14 -16.33 -29.86
CA ASP A 91 14.96 -15.78 -30.51
C ASP A 91 13.78 -15.85 -29.55
N LEU A 92 12.89 -14.85 -29.66
CA LEU A 92 11.80 -14.66 -28.71
C LEU A 92 10.46 -14.53 -29.41
N TYR A 93 9.38 -14.82 -28.67
CA TYR A 93 8.02 -14.57 -29.14
C TYR A 93 7.21 -14.17 -27.91
N ILE A 94 6.00 -13.66 -28.13
CA ILE A 94 5.15 -13.18 -27.04
C ILE A 94 4.37 -14.36 -26.45
N HIS A 95 4.71 -14.71 -25.21
CA HIS A 95 3.95 -15.72 -24.48
C HIS A 95 2.67 -15.11 -23.92
N GLN A 96 2.74 -13.87 -23.43
CA GLN A 96 1.59 -13.22 -22.79
C GLN A 96 1.73 -11.70 -22.91
N PHE A 97 0.61 -11.05 -23.14
CA PHE A 97 0.57 -9.58 -23.23
C PHE A 97 -0.63 -9.11 -22.42
N LYS A 98 -0.37 -8.38 -21.32
CA LYS A 98 -1.47 -7.93 -20.46
C LYS A 98 -1.20 -6.52 -19.96
N ILE A 99 -2.29 -5.84 -19.62
CA ILE A 99 -2.22 -4.58 -18.91
C ILE A 99 -3.08 -4.72 -17.67
N ASN A 100 -2.44 -4.59 -16.50
CA ASN A 100 -3.13 -4.63 -15.22
C ASN A 100 -3.40 -3.20 -14.82
N THR A 101 -4.65 -2.80 -15.04
CA THR A 101 -5.14 -1.43 -14.88
C THR A 101 -5.76 -1.28 -13.49
N LYS A 102 -4.97 -0.84 -12.54
CA LYS A 102 -5.38 -0.78 -11.14
C LYS A 102 -5.91 0.62 -10.84
N ARG A 103 -7.24 0.75 -10.77
CA ARG A 103 -7.87 2.07 -10.70
C ARG A 103 -7.48 2.80 -9.43
N ALA A 104 -7.55 4.13 -9.51
CA ALA A 104 -7.60 4.98 -8.33
C ALA A 104 -8.81 4.60 -7.50
N PHE A 105 -8.71 4.84 -6.20
CA PHE A 105 -9.85 4.65 -5.30
C PHE A 105 -10.37 3.21 -5.32
N GLY A 106 -9.45 2.29 -5.12
CA GLY A 106 -9.85 0.96 -4.70
C GLY A 106 -9.49 -0.16 -5.64
N GLY A 107 -8.64 0.11 -6.62
CA GLY A 107 -8.11 -0.95 -7.46
C GLY A 107 -7.49 -2.07 -6.63
N ASP A 108 -7.86 -3.31 -6.92
CA ASP A 108 -7.60 -4.39 -5.97
C ASP A 108 -6.16 -4.92 -6.07
N SER A 109 -5.78 -5.67 -5.03
CA SER A 109 -4.43 -6.21 -4.90
C SER A 109 -4.21 -7.36 -5.89
N TRP A 110 -2.93 -7.70 -6.03
CA TRP A 110 -2.47 -8.92 -6.71
C TRP A 110 -1.72 -9.77 -5.69
N ALA A 111 -2.16 -11.03 -5.52
CA ALA A 111 -1.65 -11.89 -4.48
C ALA A 111 -0.17 -12.16 -4.69
N TRP A 112 0.54 -12.47 -3.61
CA TRP A 112 1.93 -12.88 -3.70
C TRP A 112 2.05 -14.21 -4.44
N HIS A 113 2.95 -14.29 -5.43
CA HIS A 113 3.09 -15.49 -6.26
C HIS A 113 4.40 -15.46 -7.04
N GLN A 114 4.71 -16.60 -7.66
CA GLN A 114 5.60 -16.70 -8.80
C GLN A 114 4.79 -16.95 -10.07
N ASP A 115 5.29 -16.42 -11.20
CA ASP A 115 4.59 -16.64 -12.46
C ASP A 115 4.83 -18.03 -13.05
N PHE A 116 6.06 -18.52 -13.00
CA PHE A 116 6.41 -19.70 -13.79
C PHE A 116 5.55 -20.89 -13.44
N ILE A 117 5.39 -21.19 -12.15
CA ILE A 117 4.65 -22.39 -11.80
C ILE A 117 3.25 -22.38 -12.40
N VAL A 118 2.63 -21.21 -12.51
CA VAL A 118 1.29 -21.13 -13.09
C VAL A 118 1.31 -21.58 -14.54
N TRP A 119 2.26 -21.08 -15.30
CA TRP A 119 2.36 -21.46 -16.71
C TRP A 119 2.85 -22.88 -16.88
N ARG A 120 3.68 -23.36 -15.97
CA ARG A 120 4.14 -24.74 -16.04
C ARG A 120 2.96 -25.68 -15.88
N ASP A 121 2.17 -25.46 -14.85
CA ASP A 121 1.13 -26.42 -14.49
C ASP A 121 -0.15 -26.21 -15.29
N THR A 122 -0.46 -24.98 -15.67
CA THR A 122 -1.68 -24.72 -16.43
C THR A 122 -1.49 -24.98 -17.92
N ASP A 123 -0.34 -24.60 -18.46
CA ASP A 123 -0.12 -24.56 -19.89
C ASP A 123 0.99 -25.47 -20.38
N GLY A 124 1.71 -26.17 -19.49
CA GLY A 124 2.79 -27.02 -19.94
C GLY A 124 4.03 -26.26 -20.36
N LEU A 125 4.22 -25.04 -19.84
CA LEU A 125 5.47 -24.30 -20.09
C LEU A 125 6.65 -25.08 -19.51
N PRO A 126 7.64 -25.47 -20.31
CA PRO A 126 8.61 -26.46 -19.79
C PRO A 126 9.59 -25.88 -18.78
N ALA A 127 9.99 -24.63 -18.93
CA ALA A 127 11.13 -24.10 -18.20
C ALA A 127 11.01 -22.59 -18.11
N PRO A 128 11.64 -21.96 -17.13
CA PRO A 128 11.49 -20.49 -16.97
C PRO A 128 12.42 -19.70 -17.87
N ARG A 129 12.46 -20.06 -19.15
CA ARG A 129 13.28 -19.39 -20.16
C ARG A 129 12.50 -18.26 -20.82
N ALA A 130 12.06 -17.33 -19.96
CA ALA A 130 11.17 -16.24 -20.31
C ALA A 130 11.54 -15.05 -19.44
N VAL A 131 11.13 -13.85 -19.87
CA VAL A 131 11.33 -12.64 -19.09
C VAL A 131 10.05 -11.81 -19.15
N ASN A 132 9.67 -11.25 -18.02
CA ASN A 132 8.56 -10.32 -17.95
C ASN A 132 9.10 -8.92 -18.16
N VAL A 133 8.42 -8.15 -19.00
CA VAL A 133 8.85 -6.80 -19.32
C VAL A 133 7.70 -5.87 -19.00
N GLY A 134 7.80 -5.16 -17.88
CA GLY A 134 6.79 -4.20 -17.49
C GLY A 134 7.08 -2.87 -18.15
N VAL A 135 6.01 -2.20 -18.55
CA VAL A 135 6.08 -0.84 -19.10
C VAL A 135 5.09 -0.01 -18.30
N PHE A 136 5.59 1.02 -17.63
CA PHE A 136 4.76 1.84 -16.76
C PHE A 136 3.93 2.80 -17.61
N LEU A 137 2.59 2.67 -17.60
CA LEU A 137 1.73 3.64 -18.29
C LEU A 137 1.17 4.68 -17.33
N SER A 138 1.59 4.65 -16.07
CA SER A 138 1.31 5.60 -15.03
C SER A 138 2.61 5.78 -14.25
N ASP A 139 2.78 6.93 -13.62
CA ASP A 139 3.84 7.08 -12.63
C ASP A 139 3.60 6.04 -11.53
N VAL A 140 4.62 5.28 -11.19
CA VAL A 140 4.52 4.26 -10.16
C VAL A 140 5.18 4.82 -8.91
N THR A 141 4.43 4.92 -7.81
CA THR A 141 4.85 5.56 -6.56
C THR A 141 4.60 4.57 -5.42
N GLU A 142 4.94 4.99 -4.20
CA GLU A 142 4.61 4.18 -3.03
C GLU A 142 3.11 4.12 -2.75
N PHE A 143 2.32 4.96 -3.40
CA PHE A 143 0.94 5.18 -3.01
C PHE A 143 -0.09 4.52 -3.91
N ASN A 144 0.27 4.09 -5.12
CA ASN A 144 -0.71 3.55 -6.06
C ASN A 144 -0.51 2.06 -6.36
N GLY A 145 -0.13 1.28 -5.34
CA GLY A 145 -0.08 -0.16 -5.46
C GLY A 145 0.99 -0.69 -6.40
N PRO A 146 2.23 -0.26 -6.20
CA PRO A 146 3.33 -0.77 -7.03
C PRO A 146 3.57 -2.25 -6.86
N VAL A 147 4.11 -2.89 -7.90
CA VAL A 147 4.62 -4.25 -7.70
C VAL A 147 5.67 -4.23 -6.61
N VAL A 148 5.61 -5.21 -5.69
CA VAL A 148 6.63 -5.43 -4.69
C VAL A 148 7.28 -6.77 -5.00
N PHE A 149 8.61 -6.79 -5.01
CA PHE A 149 9.41 -7.99 -5.20
C PHE A 149 10.05 -8.43 -3.89
N LEU A 150 10.20 -9.74 -3.72
CA LEU A 150 11.13 -10.26 -2.70
C LEU A 150 12.49 -10.34 -3.39
N SER A 151 13.36 -9.39 -3.07
CA SER A 151 14.61 -9.20 -3.80
C SER A 151 15.46 -10.47 -3.81
N GLY A 152 15.84 -10.92 -5.00
CA GLY A 152 16.71 -12.09 -5.12
C GLY A 152 16.00 -13.43 -4.98
N SER A 153 14.67 -13.42 -4.78
CA SER A 153 13.94 -14.67 -4.46
C SER A 153 13.81 -15.60 -5.66
N HIS A 154 14.08 -15.13 -6.88
CA HIS A 154 14.11 -16.04 -8.01
C HIS A 154 15.24 -17.06 -7.89
N GLN A 155 16.24 -16.80 -7.05
CA GLN A 155 17.33 -17.76 -6.84
C GLN A 155 16.87 -19.01 -6.13
N ARG A 156 15.68 -19.00 -5.54
CA ARG A 156 15.12 -20.16 -4.87
C ARG A 156 14.51 -21.16 -5.84
N GLY A 157 14.32 -20.74 -7.08
CA GLY A 157 13.66 -21.58 -8.04
C GLY A 157 12.18 -21.62 -7.71
N THR A 158 11.51 -22.66 -8.20
CA THR A 158 10.06 -22.73 -8.05
C THR A 158 9.72 -23.28 -6.67
N VAL A 159 8.84 -22.57 -5.98
CA VAL A 159 8.33 -23.02 -4.68
C VAL A 159 7.08 -23.85 -4.98
N GLU A 160 7.19 -25.15 -4.75
CA GLU A 160 6.18 -26.06 -5.24
C GLU A 160 4.87 -25.90 -4.48
N ARG A 161 3.78 -26.08 -5.20
CA ARG A 161 2.45 -26.03 -4.60
C ARG A 161 1.45 -26.60 -5.59
N LYS A 162 0.26 -26.89 -5.06
CA LYS A 162 -0.92 -27.23 -5.86
C LYS A 162 -1.81 -26.02 -5.96
N ALA A 163 -2.53 -25.89 -7.08
CA ALA A 163 -3.48 -24.81 -7.25
C ALA A 163 -4.61 -24.90 -6.22
N ARG A 164 -5.19 -23.75 -5.88
CA ARG A 164 -6.34 -23.75 -4.97
C ARG A 164 -7.47 -24.55 -5.59
N GLU A 165 -8.33 -25.09 -4.71
CA GLU A 165 -9.44 -25.93 -5.15
C GLU A 165 -10.38 -25.21 -6.10
N THR A 166 -10.65 -23.93 -5.86
CA THR A 166 -11.52 -23.15 -6.72
C THR A 166 -10.74 -22.00 -7.33
N SER A 167 -10.99 -21.74 -8.60
CA SER A 167 -10.36 -20.64 -9.32
C SER A 167 -11.12 -19.35 -9.10
N ARG A 168 -10.38 -18.27 -8.88
CA ARG A 168 -11.02 -16.98 -8.69
C ARG A 168 -11.71 -16.51 -9.95
N SER A 169 -11.13 -16.82 -11.11
CA SER A 169 -11.62 -16.32 -12.38
C SER A 169 -11.62 -17.44 -13.41
N ASP A 170 -12.63 -17.44 -14.28
CA ASP A 170 -12.63 -18.34 -15.44
C ASP A 170 -12.08 -17.69 -16.70
N GLN A 171 -11.57 -16.46 -16.63
CA GLN A 171 -11.05 -15.78 -17.81
C GLN A 171 -9.52 -15.81 -17.90
N HIS A 172 -8.84 -16.03 -16.77
CA HIS A 172 -7.40 -16.19 -16.69
C HIS A 172 -7.13 -16.85 -15.35
N VAL A 173 -5.87 -17.11 -15.06
CA VAL A 173 -5.49 -17.59 -13.75
C VAL A 173 -5.11 -16.38 -12.92
N ASP A 174 -5.96 -16.02 -11.96
CA ASP A 174 -5.60 -14.98 -11.02
C ASP A 174 -4.50 -15.51 -10.13
N PRO A 175 -3.46 -14.72 -9.83
CA PRO A 175 -2.36 -15.24 -9.00
C PRO A 175 -2.82 -15.78 -7.66
N ASP A 176 -3.98 -15.36 -7.14
CA ASP A 176 -4.48 -15.89 -5.89
C ASP A 176 -4.60 -17.41 -5.95
N ASP A 177 -4.82 -17.98 -7.15
CA ASP A 177 -4.94 -19.42 -7.30
C ASP A 177 -3.67 -20.16 -6.89
N TYR A 178 -2.51 -19.48 -7.00
CA TYR A 178 -1.22 -20.05 -6.68
C TYR A 178 -0.50 -19.23 -5.63
N SER A 179 -1.27 -18.60 -4.74
CA SER A 179 -0.69 -17.64 -3.81
C SER A 179 0.25 -18.31 -2.79
N MET A 180 1.33 -17.60 -2.46
CA MET A 180 2.22 -18.00 -1.38
C MET A 180 1.47 -18.03 -0.07
N THR A 181 1.85 -18.95 0.82
CA THR A 181 1.26 -18.97 2.13
C THR A 181 1.95 -17.97 3.05
N PRO A 182 1.29 -17.58 4.14
CA PRO A 182 1.97 -16.68 5.08
C PRO A 182 3.26 -17.26 5.63
N ALA A 183 3.28 -18.55 5.98
CA ALA A 183 4.51 -19.17 6.49
C ALA A 183 5.65 -19.03 5.50
N GLU A 184 5.39 -19.26 4.21
CA GLU A 184 6.44 -19.13 3.19
C GLU A 184 6.94 -17.70 3.06
N LEU A 185 6.02 -16.74 3.04
CA LEU A 185 6.39 -15.35 2.91
C LEU A 185 7.23 -14.88 4.09
N SER A 186 6.84 -15.28 5.31
CA SER A 186 7.59 -14.88 6.50
C SER A 186 9.01 -15.43 6.46
N GLN A 187 9.17 -16.66 6.00
CA GLN A 187 10.49 -17.27 5.90
C GLN A 187 11.31 -16.59 4.81
N MET A 188 10.71 -16.37 3.64
CA MET A 188 11.43 -15.83 2.48
C MET A 188 11.86 -14.37 2.69
N VAL A 189 10.98 -13.54 3.25
CA VAL A 189 11.25 -12.10 3.33
C VAL A 189 12.51 -11.83 4.15
N GLU A 190 12.84 -12.69 5.09
CA GLU A 190 14.04 -12.48 5.88
C GLU A 190 15.31 -12.57 5.04
N LYS A 191 15.36 -13.47 4.06
CA LYS A 191 16.47 -13.55 3.11
C LYS A 191 16.31 -12.70 1.86
N HIS A 192 15.07 -12.34 1.50
CA HIS A 192 14.75 -11.67 0.23
C HIS A 192 13.84 -10.49 0.55
N PRO A 193 14.41 -9.37 0.97
CA PRO A 193 13.58 -8.26 1.46
C PRO A 193 12.73 -7.62 0.37
N MET A 194 11.64 -7.01 0.84
CA MET A 194 10.74 -6.29 -0.03
C MET A 194 11.40 -5.06 -0.66
N VAL A 195 11.14 -4.90 -1.95
CA VAL A 195 11.57 -3.73 -2.73
C VAL A 195 10.52 -3.45 -3.81
N SER A 196 10.13 -2.19 -3.95
N SER A 196 10.21 -2.18 -3.99
CA SER A 196 9.17 -1.77 -4.98
CA SER A 196 9.20 -1.76 -4.97
C SER A 196 9.84 -0.75 -5.88
C SER A 196 9.81 -0.73 -5.90
N PRO A 197 10.22 -1.11 -7.12
CA PRO A 197 10.80 -0.10 -8.02
C PRO A 197 9.78 0.99 -8.34
N LYS A 198 10.22 2.24 -8.26
CA LYS A 198 9.36 3.37 -8.52
C LYS A 198 9.96 4.17 -9.66
N ALA A 199 9.11 4.67 -10.52
CA ALA A 199 9.59 5.48 -11.65
C ALA A 199 8.41 6.13 -12.36
N ALA A 200 8.75 7.10 -13.21
CA ALA A 200 7.76 7.81 -14.02
C ALA A 200 7.23 6.91 -15.13
N SER A 201 6.04 7.26 -15.61
CA SER A 201 5.46 6.60 -16.78
C SER A 201 6.46 6.64 -17.93
N GLY A 202 6.47 5.55 -18.69
CA GLY A 202 7.38 5.36 -19.79
C GLY A 202 8.61 4.55 -19.39
N SER A 203 8.75 4.27 -18.10
CA SER A 203 9.84 3.46 -17.62
C SER A 203 9.52 1.99 -17.86
N VAL A 204 10.59 1.19 -17.91
CA VAL A 204 10.51 -0.25 -18.19
C VAL A 204 11.11 -0.99 -17.00
N MET A 205 10.49 -2.10 -16.64
CA MET A 205 10.98 -2.94 -15.55
C MET A 205 10.97 -4.39 -16.02
N LEU A 206 12.14 -5.02 -16.11
N LEU A 206 12.15 -4.99 -16.12
CA LEU A 206 12.26 -6.43 -16.47
CA LEU A 206 12.30 -6.40 -16.43
C LEU A 206 12.37 -7.24 -15.19
C LEU A 206 12.27 -7.19 -15.12
N PHE A 207 11.65 -8.36 -15.14
CA PHE A 207 11.70 -9.20 -13.95
C PHE A 207 11.49 -10.67 -14.28
N HIS A 208 12.10 -11.48 -13.47
CA HIS A 208 12.25 -12.92 -13.64
C HIS A 208 10.94 -13.65 -13.32
N PRO A 209 10.58 -14.66 -14.12
CA PRO A 209 9.30 -15.38 -13.85
C PRO A 209 9.28 -16.19 -12.56
N GLU A 210 10.39 -16.34 -11.85
CA GLU A 210 10.40 -17.03 -10.56
C GLU A 210 10.61 -16.08 -9.39
N ILE A 211 10.69 -14.77 -9.63
CA ILE A 211 10.74 -13.85 -8.48
C ILE A 211 9.38 -13.83 -7.81
N ILE A 212 9.37 -13.84 -6.49
CA ILE A 212 8.14 -13.70 -5.73
C ILE A 212 7.74 -12.23 -5.75
N HIS A 213 6.49 -11.95 -6.12
CA HIS A 213 6.02 -10.59 -6.27
C HIS A 213 4.52 -10.52 -5.99
N GLY A 214 4.06 -9.32 -5.69
CA GLY A 214 2.66 -9.06 -5.36
C GLY A 214 2.46 -7.57 -5.36
N SER A 215 1.22 -7.13 -5.12
CA SER A 215 0.98 -5.70 -5.02
C SER A 215 -0.29 -5.45 -4.23
N ALA A 216 -0.35 -4.29 -3.61
CA ALA A 216 -1.41 -3.95 -2.66
C ALA A 216 -2.51 -3.17 -3.36
N PRO A 217 -3.65 -3.01 -2.70
CA PRO A 217 -4.72 -2.19 -3.29
C PRO A 217 -4.30 -0.74 -3.41
N ASN A 218 -4.91 -0.05 -4.39
CA ASN A 218 -4.59 1.34 -4.69
C ASN A 218 -5.65 2.22 -4.06
N ILE A 219 -5.34 2.83 -2.91
CA ILE A 219 -6.30 3.71 -2.26
C ILE A 219 -6.17 5.15 -2.74
N SER A 220 -5.20 5.45 -3.61
CA SER A 220 -4.85 6.82 -3.96
C SER A 220 -5.77 7.39 -5.04
N PRO A 221 -5.69 8.69 -5.28
CA PRO A 221 -6.44 9.31 -6.38
C PRO A 221 -5.84 9.09 -7.75
N PHE A 222 -4.75 8.38 -7.83
CA PHE A 222 -3.97 8.20 -9.07
C PHE A 222 -4.10 6.75 -9.54
N ALA A 223 -4.35 6.55 -10.83
CA ALA A 223 -4.41 5.18 -11.33
C ALA A 223 -3.00 4.57 -11.44
N ARG A 224 -2.94 3.26 -11.59
CA ARG A 224 -1.66 2.55 -11.83
C ARG A 224 -1.87 1.55 -12.97
N ASP A 225 -1.64 2.01 -14.19
CA ASP A 225 -1.78 1.15 -15.36
C ASP A 225 -0.42 0.53 -15.73
N LEU A 226 -0.33 -0.79 -15.59
CA LEU A 226 0.96 -1.49 -15.71
C LEU A 226 0.84 -2.51 -16.83
N LEU A 227 1.61 -2.29 -17.89
CA LEU A 227 1.62 -3.19 -19.04
C LEU A 227 2.74 -4.21 -18.82
N ILE A 228 2.48 -5.50 -19.08
CA ILE A 228 3.50 -6.54 -18.95
C ILE A 228 3.47 -7.42 -20.20
N ILE A 229 4.62 -7.52 -20.87
CA ILE A 229 4.81 -8.44 -21.99
C ILE A 229 5.77 -9.53 -21.51
N THR A 230 5.37 -10.79 -21.63
CA THR A 230 6.23 -11.91 -21.30
C THR A 230 6.77 -12.45 -22.60
N TYR A 231 8.08 -12.29 -22.80
CA TYR A 231 8.76 -12.87 -23.94
C TYR A 231 9.30 -14.23 -23.55
N ASN A 232 9.14 -15.18 -24.45
CA ASN A 232 9.56 -16.56 -24.25
C ASN A 232 10.50 -17.03 -25.35
N ASP A 233 11.47 -17.83 -24.97
CA ASP A 233 12.33 -18.54 -25.91
C ASP A 233 11.48 -19.36 -26.87
N VAL A 234 11.69 -19.15 -28.18
CA VAL A 234 10.96 -19.91 -29.21
C VAL A 234 11.16 -21.41 -29.03
N ALA A 235 12.27 -21.84 -28.45
CA ALA A 235 12.48 -23.27 -28.23
C ALA A 235 11.85 -23.76 -26.93
N ASN A 236 11.12 -22.89 -26.23
CA ASN A 236 10.52 -23.25 -24.94
C ASN A 236 9.00 -23.14 -24.99
N ALA A 237 8.40 -23.45 -26.14
CA ALA A 237 6.96 -23.31 -26.27
C ALA A 237 6.23 -24.26 -25.32
N PRO A 238 5.07 -23.85 -24.81
CA PRO A 238 4.26 -24.76 -23.99
C PRO A 238 3.90 -26.04 -24.73
N LYS A 239 3.85 -27.13 -23.96
CA LYS A 239 3.43 -28.45 -24.42
C LYS A 239 2.24 -28.88 -23.59
N PRO A 240 1.07 -28.31 -23.81
CA PRO A 240 -0.08 -28.62 -22.96
C PRO A 240 -0.52 -30.05 -23.17
N ALA A 241 -0.90 -30.70 -22.08
CA ALA A 241 -1.40 -32.06 -22.16
C ALA A 241 -2.83 -32.12 -22.65
N GLY A 242 -3.59 -31.03 -22.47
CA GLY A 242 -4.95 -31.00 -22.93
C GLY A 242 -5.19 -29.92 -23.97
N GLU A 243 -6.42 -29.42 -24.00
CA GLU A 243 -6.74 -28.32 -24.89
C GLU A 243 -6.04 -27.07 -24.36
N PRO A 244 -5.36 -26.30 -25.20
CA PRO A 244 -4.70 -25.10 -24.70
C PRO A 244 -5.71 -24.00 -24.38
N ARG A 245 -5.28 -23.13 -23.48
CA ARG A 245 -6.06 -21.97 -23.11
C ARG A 245 -6.13 -21.04 -24.31
N PRO A 246 -6.97 -20.02 -24.25
CA PRO A 246 -7.17 -19.16 -25.43
C PRO A 246 -5.91 -18.39 -25.81
N GLU A 247 -5.80 -18.08 -27.08
CA GLU A 247 -4.64 -17.34 -27.54
C GLU A 247 -4.53 -15.96 -26.92
N TYR A 248 -5.64 -15.36 -26.46
CA TYR A 248 -5.50 -14.03 -25.86
C TYR A 248 -4.70 -14.07 -24.57
N VAL A 249 -4.62 -15.23 -23.92
CA VAL A 249 -3.89 -15.30 -22.68
C VAL A 249 -2.55 -16.02 -22.87
N ILE A 250 -2.48 -17.02 -23.75
CA ILE A 250 -1.25 -17.80 -23.95
C ILE A 250 -0.94 -17.85 -25.43
N GLY A 251 0.16 -17.20 -25.83
CA GLY A 251 0.55 -17.17 -27.23
C GLY A 251 0.92 -18.53 -27.81
N ARG A 252 0.56 -18.69 -29.09
CA ARG A 252 0.82 -19.90 -29.84
C ARG A 252 1.71 -19.70 -31.06
N ASP A 253 1.82 -18.50 -31.59
CA ASP A 253 2.68 -18.23 -32.74
C ASP A 253 4.12 -18.03 -32.27
N THR A 254 4.99 -19.00 -32.54
CA THR A 254 6.37 -18.95 -32.08
C THR A 254 7.32 -18.41 -33.15
N THR A 255 6.79 -17.78 -34.18
CA THR A 255 7.63 -17.08 -35.14
C THR A 255 8.55 -16.10 -34.40
N PRO A 256 9.87 -16.16 -34.61
CA PRO A 256 10.74 -15.17 -33.97
C PRO A 256 10.36 -13.73 -34.26
N LEU A 257 10.35 -12.91 -33.22
CA LEU A 257 10.10 -11.50 -33.37
C LEU A 257 11.30 -10.80 -34.00
N VAL A 258 11.01 -9.82 -34.83
CA VAL A 258 12.03 -8.96 -35.44
C VAL A 258 11.85 -7.57 -34.84
N SER A 259 12.91 -7.01 -34.27
CA SER A 259 12.73 -5.77 -33.57
C SER A 259 12.65 -4.62 -34.56
N ARG A 260 12.03 -3.56 -34.07
CA ARG A 260 11.75 -2.38 -34.85
C ARG A 260 12.35 -1.21 -34.10
N SER A 261 13.02 -0.32 -34.83
CA SER A 261 13.56 0.89 -34.26
C SER A 261 12.58 2.05 -34.49
N GLY A 262 12.71 3.08 -33.67
CA GLY A 262 12.00 4.31 -33.91
C GLY A 262 10.90 4.57 -32.91
N PRO A 263 10.27 5.74 -33.01
CA PRO A 263 9.23 6.12 -32.05
C PRO A 263 7.94 5.34 -32.27
N LEU A 264 7.16 5.25 -31.20
CA LEU A 264 5.80 4.77 -31.29
C LEU A 264 4.87 5.86 -31.80
N HIS A 265 3.95 5.50 -32.69
CA HIS A 265 3.03 6.53 -33.20
C HIS A 265 1.56 6.11 -33.21
N GLY B 2 9.08 22.65 30.30
CA GLY B 2 9.62 22.94 28.95
C GLY B 2 10.89 22.17 28.63
N ARG B 3 10.93 20.89 29.04
CA ARG B 3 12.10 20.05 28.77
C ARG B 3 12.12 19.60 27.31
N MET B 4 11.20 18.71 26.94
CA MET B 4 11.16 18.12 25.59
C MET B 4 10.48 19.12 24.65
N GLN B 5 11.30 19.96 24.03
CA GLN B 5 10.81 21.07 23.22
C GLN B 5 11.06 20.75 21.75
N LEU B 6 10.04 20.93 20.93
CA LEU B 6 10.25 20.92 19.50
C LEU B 6 11.10 22.13 19.09
N THR B 7 11.95 21.95 18.07
CA THR B 7 12.65 23.08 17.49
C THR B 7 11.72 23.95 16.65
N ALA B 8 12.21 25.15 16.32
CA ALA B 8 11.47 26.02 15.40
C ALA B 8 11.13 25.29 14.11
N ASP B 9 12.08 24.51 13.58
CA ASP B 9 11.85 23.83 12.31
C ASP B 9 10.74 22.80 12.45
N GLN B 10 10.73 22.08 13.57
CA GLN B 10 9.72 21.07 13.83
C GLN B 10 8.34 21.70 14.01
N VAL B 11 8.26 22.83 14.72
CA VAL B 11 6.99 23.50 14.90
C VAL B 11 6.48 24.01 13.56
N GLU B 12 7.37 24.59 12.77
CA GLU B 12 7.00 25.11 11.47
C GLU B 12 6.47 24.01 10.58
N LYS B 13 7.09 22.83 10.66
CA LYS B 13 6.64 21.68 9.90
C LYS B 13 5.22 21.28 10.30
N TYR B 14 4.96 21.22 11.61
CA TYR B 14 3.62 20.89 12.09
C TYR B 14 2.62 21.93 11.61
N LYS B 15 2.94 23.20 11.77
CA LYS B 15 2.00 24.26 11.39
C LYS B 15 1.73 24.29 9.88
N SER B 16 2.75 24.11 9.04
CA SER B 16 2.55 24.26 7.60
C SER B 16 2.04 22.97 6.96
N ASP B 17 2.58 21.81 7.37
CA ASP B 17 2.29 20.52 6.75
C ASP B 17 1.28 19.68 7.51
N GLY B 18 1.07 19.98 8.79
CA GLY B 18 0.04 19.32 9.56
C GLY B 18 0.49 18.10 10.34
N TYR B 19 1.78 17.76 10.31
CA TYR B 19 2.30 16.58 11.01
C TYR B 19 3.79 16.81 11.18
N VAL B 20 4.38 16.08 12.12
CA VAL B 20 5.82 16.08 12.27
C VAL B 20 6.24 14.75 12.90
N LEU B 21 7.36 14.22 12.40
CA LEU B 21 7.93 12.95 12.81
C LEU B 21 9.13 13.16 13.72
N LEU B 22 9.08 12.57 14.92
CA LEU B 22 10.18 12.54 15.88
C LEU B 22 10.73 11.12 15.95
N GLU B 23 11.83 10.86 15.26
CA GLU B 23 12.36 9.51 15.21
C GLU B 23 13.05 9.15 16.51
N GLY B 24 12.91 7.88 16.90
CA GLY B 24 13.69 7.36 18.00
C GLY B 24 13.37 7.98 19.35
N ALA B 25 12.12 8.35 19.59
CA ALA B 25 11.79 8.97 20.88
C ALA B 25 11.86 7.98 22.03
N PHE B 26 11.55 6.71 21.78
CA PHE B 26 11.59 5.66 22.78
C PHE B 26 12.56 4.57 22.36
N SER B 27 13.26 3.99 23.34
CA SER B 27 14.34 3.05 23.10
C SER B 27 13.81 1.69 22.68
N PRO B 28 14.67 0.82 22.12
CA PRO B 28 14.23 -0.56 21.85
C PRO B 28 13.72 -1.27 23.08
N GLU B 29 14.34 -1.03 24.23
CA GLU B 29 13.88 -1.64 25.47
C GLU B 29 12.48 -1.15 25.83
N GLU B 30 12.22 0.13 25.68
CA GLU B 30 10.90 0.66 25.99
C GLU B 30 9.85 0.14 25.02
N VAL B 31 10.20 0.06 23.74
CA VAL B 31 9.29 -0.51 22.74
C VAL B 31 8.93 -1.94 23.12
N HIS B 32 9.91 -2.72 23.53
CA HIS B 32 9.67 -4.12 23.91
C HIS B 32 8.66 -4.21 25.05
N VAL B 33 8.80 -3.38 26.08
CA VAL B 33 7.86 -3.40 27.19
C VAL B 33 6.45 -3.03 26.71
N MET B 34 6.35 -2.05 25.79
CA MET B 34 5.04 -1.66 25.27
C MET B 34 4.47 -2.77 24.40
N ARG B 35 5.30 -3.45 23.61
CA ARG B 35 4.80 -4.56 22.81
C ARG B 35 4.32 -5.71 23.71
N GLN B 36 5.01 -5.99 24.82
CA GLN B 36 4.52 -7.04 25.72
C GLN B 36 3.16 -6.64 26.32
N ALA B 37 3.02 -5.37 26.69
CA ALA B 37 1.74 -4.90 27.22
C ALA B 37 0.64 -4.99 26.17
N LEU B 38 0.97 -4.72 24.91
CA LEU B 38 -0.03 -4.80 23.86
C LEU B 38 -0.50 -6.22 23.64
N LYS B 39 0.43 -7.19 23.67
CA LYS B 39 0.03 -8.58 23.52
C LYS B 39 -0.91 -9.01 24.65
N LYS B 40 -0.65 -8.53 25.86
CA LYS B 40 -1.54 -8.84 26.97
C LYS B 40 -2.89 -8.14 26.81
N ASP B 41 -2.87 -6.86 26.41
CA ASP B 41 -4.11 -6.11 26.35
C ASP B 41 -5.02 -6.62 25.23
N GLN B 42 -4.44 -7.15 24.16
CA GLN B 42 -5.24 -7.64 23.03
C GLN B 42 -6.16 -8.77 23.43
N GLU B 43 -5.89 -9.41 24.56
CA GLU B 43 -6.66 -10.55 25.06
C GLU B 43 -7.80 -10.14 25.96
N VAL B 44 -7.92 -8.86 26.30
CA VAL B 44 -8.97 -8.42 27.21
C VAL B 44 -10.27 -8.28 26.44
N GLN B 45 -11.29 -8.99 26.91
CA GLN B 45 -12.59 -8.95 26.29
C GLN B 45 -13.32 -7.69 26.73
N GLY B 46 -14.08 -7.10 25.79
CA GLY B 46 -14.95 -6.00 26.11
C GLY B 46 -15.24 -5.13 24.90
N PRO B 47 -16.08 -4.12 25.08
CA PRO B 47 -16.51 -3.32 23.92
C PRO B 47 -15.43 -2.41 23.39
N HIS B 48 -14.35 -2.21 24.14
CA HIS B 48 -13.20 -1.42 23.71
C HIS B 48 -12.35 -2.16 22.68
N ARG B 49 -12.63 -3.44 22.44
CA ARG B 49 -11.86 -4.28 21.54
C ARG B 49 -12.62 -4.44 20.23
N ILE B 50 -12.10 -3.86 19.15
CA ILE B 50 -12.77 -3.87 17.85
C ILE B 50 -12.08 -4.89 16.94
N LEU B 51 -12.86 -5.77 16.33
CA LEU B 51 -12.34 -6.80 15.44
C LEU B 51 -12.39 -6.33 13.98
N GLU B 52 -11.48 -6.87 13.18
CA GLU B 52 -11.57 -6.70 11.75
C GLU B 52 -12.89 -7.31 11.25
N GLU B 53 -13.30 -6.89 10.06
CA GLU B 53 -14.52 -7.45 9.46
C GLU B 53 -14.47 -8.98 9.38
N ASP B 54 -13.28 -9.55 9.15
CA ASP B 54 -13.17 -11.00 9.04
C ASP B 54 -13.08 -11.69 10.39
N GLY B 55 -13.01 -10.96 11.49
CA GLY B 55 -13.03 -11.56 12.81
C GLY B 55 -11.76 -12.27 13.19
N ARG B 56 -10.77 -12.32 12.28
CA ARG B 56 -9.55 -13.10 12.49
C ARG B 56 -8.56 -12.40 13.42
N THR B 57 -8.55 -11.08 13.45
CA THR B 57 -7.66 -10.37 14.35
C THR B 57 -8.35 -9.12 14.87
N VAL B 58 -7.74 -8.59 15.92
CA VAL B 58 -8.08 -7.29 16.45
C VAL B 58 -7.67 -6.22 15.44
N ARG B 59 -8.56 -5.26 15.20
CA ARG B 59 -8.32 -4.08 14.40
C ARG B 59 -7.95 -2.88 15.24
N ALA B 60 -8.55 -2.74 16.42
CA ALA B 60 -8.34 -1.58 17.25
C ALA B 60 -8.65 -1.91 18.70
N LEU B 61 -7.92 -1.27 19.60
CA LEU B 61 -8.13 -1.35 21.05
C LEU B 61 -8.24 0.06 21.60
N TYR B 62 -9.22 0.30 22.47
CA TYR B 62 -9.39 1.59 23.12
C TYR B 62 -9.00 1.50 24.60
N ALA B 63 -8.35 2.58 25.09
CA ALA B 63 -8.17 2.80 26.53
C ALA B 63 -7.21 1.80 27.17
N SER B 64 -6.19 1.36 26.43
CA SER B 64 -5.23 0.45 27.03
C SER B 64 -4.52 1.07 28.21
N HIS B 65 -4.46 2.39 28.27
CA HIS B 65 -3.80 3.04 29.40
C HIS B 65 -4.54 2.80 30.69
N THR B 66 -5.82 2.41 30.63
CA THR B 66 -6.55 2.11 31.86
C THR B 66 -6.32 0.70 32.35
N ARG B 67 -5.63 -0.14 31.58
CA ARG B 67 -5.43 -1.54 31.95
C ARG B 67 -3.98 -1.93 32.07
N GLN B 68 -3.07 -1.23 31.39
CA GLN B 68 -1.66 -1.56 31.38
C GLN B 68 -0.86 -0.37 31.89
N SER B 69 -0.07 -0.61 32.93
CA SER B 69 0.68 0.46 33.56
C SER B 69 1.57 1.21 32.58
N VAL B 70 2.25 0.48 31.68
CA VAL B 70 3.21 1.15 30.83
C VAL B 70 2.51 2.10 29.85
N PHE B 71 1.25 1.84 29.51
CA PHE B 71 0.54 2.77 28.63
C PHE B 71 0.02 3.99 29.39
N ASP B 72 -0.32 3.84 30.67
CA ASP B 72 -0.52 5.02 31.52
C ASP B 72 0.76 5.85 31.63
N GLN B 73 1.90 5.19 31.86
CA GLN B 73 3.18 5.92 31.91
C GLN B 73 3.44 6.65 30.60
N LEU B 74 3.20 5.97 29.48
CA LEU B 74 3.45 6.59 28.18
C LEU B 74 2.64 7.87 28.03
N SER B 75 1.36 7.80 28.40
CA SER B 75 0.46 8.93 28.23
C SER B 75 0.85 10.15 29.05
N ARG B 76 1.62 9.96 30.11
CA ARG B 76 2.11 11.06 30.92
C ARG B 76 3.57 11.43 30.64
N SER B 77 4.21 10.79 29.68
CA SER B 77 5.63 11.03 29.41
C SER B 77 5.87 12.43 28.86
N ASP B 78 6.90 13.09 29.37
CA ASP B 78 7.26 14.40 28.83
C ASP B 78 7.67 14.34 27.36
N ARG B 79 8.08 13.16 26.87
CA ARG B 79 8.39 13.01 25.45
C ARG B 79 7.17 13.15 24.54
N LEU B 80 5.96 12.95 25.05
CA LEU B 80 4.74 13.25 24.32
C LEU B 80 4.10 14.56 24.78
N LEU B 81 4.02 14.80 26.09
CA LEU B 81 3.33 15.98 26.57
C LEU B 81 4.12 17.27 26.38
N GLY B 82 5.44 17.21 26.35
CA GLY B 82 6.23 18.40 26.08
C GLY B 82 5.83 18.99 24.74
N PRO B 83 5.95 18.19 23.68
CA PRO B 83 5.53 18.66 22.35
C PRO B 83 4.06 19.01 22.24
N ALA B 84 3.16 18.17 22.80
CA ALA B 84 1.75 18.50 22.70
C ALA B 84 1.43 19.83 23.38
N THR B 85 2.03 20.08 24.57
CA THR B 85 1.78 21.31 25.31
C THR B 85 2.32 22.51 24.57
N GLN B 86 3.45 22.32 23.89
CA GLN B 86 4.07 23.40 23.14
C GLN B 86 3.19 23.81 21.97
N LEU B 87 2.65 22.82 21.27
CA LEU B 87 1.84 23.10 20.11
C LEU B 87 0.50 23.71 20.49
N LEU B 88 -0.09 23.29 21.62
CA LEU B 88 -1.40 23.80 21.97
C LEU B 88 -1.37 24.89 23.02
N GLU B 89 -0.27 25.03 23.74
CA GLU B 89 -0.07 26.10 24.72
C GLU B 89 -1.18 26.10 25.78
N CYS B 90 -1.40 24.95 26.41
CA CYS B 90 -2.46 24.84 27.40
C CYS B 90 -2.28 23.55 28.18
N ASP B 91 -3.03 23.44 29.28
CA ASP B 91 -3.18 22.19 29.98
C ASP B 91 -3.98 21.20 29.14
N LEU B 92 -3.63 19.91 29.27
CA LEU B 92 -4.18 18.89 28.40
C LEU B 92 -4.72 17.71 29.20
N TYR B 93 -5.69 17.01 28.62
CA TYR B 93 -6.13 15.72 29.15
C TYR B 93 -6.31 14.77 27.96
N ILE B 94 -6.53 13.48 28.25
CA ILE B 94 -6.69 12.49 27.18
C ILE B 94 -8.13 12.47 26.67
N HIS B 95 -8.31 12.88 25.42
CA HIS B 95 -9.59 12.78 24.73
C HIS B 95 -9.85 11.36 24.26
N GLN B 96 -8.83 10.72 23.68
CA GLN B 96 -8.98 9.38 23.14
C GLN B 96 -7.63 8.68 23.19
N PHE B 97 -7.65 7.38 23.47
CA PHE B 97 -6.46 6.53 23.46
C PHE B 97 -6.79 5.26 22.71
N LYS B 98 -6.10 5.02 21.58
CA LYS B 98 -6.38 3.84 20.79
C LYS B 98 -5.09 3.24 20.27
N ILE B 99 -5.14 1.94 19.99
CA ILE B 99 -4.09 1.27 19.26
C ILE B 99 -4.72 0.59 18.06
N ASN B 100 -4.31 0.98 16.88
CA ASN B 100 -4.84 0.41 15.64
C ASN B 100 -3.82 -0.63 15.20
N THR B 101 -4.18 -1.88 15.36
CA THR B 101 -3.25 -3.00 15.17
C THR B 101 -3.54 -3.63 13.81
N LYS B 102 -2.83 -3.17 12.78
CA LYS B 102 -3.09 -3.61 11.41
C LYS B 102 -2.24 -4.83 11.11
N ARG B 103 -2.87 -6.01 11.13
CA ARG B 103 -2.09 -7.24 11.11
C ARG B 103 -1.40 -7.47 9.78
N ALA B 104 -0.30 -8.22 9.82
CA ALA B 104 0.33 -8.74 8.61
C ALA B 104 -0.66 -9.60 7.84
N PHE B 105 -0.44 -9.71 6.52
CA PHE B 105 -1.21 -10.64 5.68
C PHE B 105 -2.70 -10.30 5.70
N GLY B 106 -3.01 -9.02 5.59
CA GLY B 106 -4.37 -8.62 5.22
C GLY B 106 -5.06 -7.68 6.18
N GLY B 107 -4.32 -7.08 7.10
CA GLY B 107 -4.95 -6.12 7.99
C GLY B 107 -5.59 -5.01 7.18
N ASP B 108 -6.79 -4.60 7.58
CA ASP B 108 -7.62 -3.81 6.67
C ASP B 108 -7.28 -2.32 6.71
N SER B 109 -7.78 -1.62 5.69
CA SER B 109 -7.48 -0.21 5.48
C SER B 109 -8.27 0.66 6.46
N TRP B 110 -7.89 1.93 6.49
CA TRP B 110 -8.63 2.99 7.17
C TRP B 110 -8.98 4.06 6.15
N ALA B 111 -10.27 4.37 6.07
CA ALA B 111 -10.79 5.29 5.07
C ALA B 111 -10.13 6.66 5.18
N TRP B 112 -10.09 7.38 4.05
CA TRP B 112 -9.66 8.78 4.07
C TRP B 112 -10.65 9.62 4.86
N HIS B 113 -10.14 10.49 5.73
CA HIS B 113 -11.04 11.25 6.61
C HIS B 113 -10.28 12.36 7.32
N GLN B 114 -11.05 13.23 7.96
CA GLN B 114 -10.56 14.12 9.00
C GLN B 114 -11.10 13.65 10.33
N ASP B 115 -10.33 13.86 11.41
CA ASP B 115 -10.79 13.40 12.72
C ASP B 115 -11.78 14.35 13.36
N PHE B 116 -11.55 15.65 13.23
CA PHE B 116 -12.27 16.59 14.08
C PHE B 116 -13.78 16.50 13.84
N ILE B 117 -14.20 16.49 12.56
CA ILE B 117 -15.64 16.52 12.30
C ILE B 117 -16.34 15.34 12.98
N VAL B 118 -15.68 14.19 13.07
CA VAL B 118 -16.31 13.06 13.75
C VAL B 118 -16.60 13.40 15.19
N TRP B 119 -15.61 13.95 15.90
CA TRP B 119 -15.79 14.28 17.31
C TRP B 119 -16.74 15.45 17.51
N ARG B 120 -16.70 16.41 16.59
CA ARG B 120 -17.62 17.54 16.64
C ARG B 120 -19.07 17.07 16.56
N ASP B 121 -19.35 16.20 15.60
CA ASP B 121 -20.74 15.83 15.34
C ASP B 121 -21.21 14.70 16.24
N THR B 122 -20.32 13.79 16.62
CA THR B 122 -20.73 12.65 17.44
C THR B 122 -20.74 13.02 18.91
N ASP B 123 -19.77 13.82 19.36
CA ASP B 123 -19.53 14.02 20.78
C ASP B 123 -19.65 15.45 21.24
N GLY B 124 -19.85 16.40 20.33
CA GLY B 124 -19.94 17.78 20.72
C GLY B 124 -18.63 18.42 21.09
N LEU B 125 -17.52 17.92 20.54
CA LEU B 125 -16.24 18.58 20.71
C LEU B 125 -16.32 19.95 20.06
N PRO B 126 -16.06 21.05 20.79
CA PRO B 126 -16.38 22.37 20.21
C PRO B 126 -15.43 22.79 19.10
N ALA B 127 -14.13 22.49 19.23
CA ALA B 127 -13.14 23.09 18.35
C ALA B 127 -11.99 22.12 18.16
N PRO B 128 -11.16 22.31 17.13
CA PRO B 128 -10.03 21.40 16.92
C PRO B 128 -8.79 21.75 17.73
N ARG B 129 -8.99 22.09 19.02
CA ARG B 129 -7.90 22.40 19.95
C ARG B 129 -7.33 21.13 20.59
N ALA B 130 -6.86 20.23 19.72
CA ALA B 130 -6.36 18.94 20.14
C ALA B 130 -5.21 18.56 19.22
N VAL B 131 -4.44 17.57 19.63
CA VAL B 131 -3.36 17.04 18.80
C VAL B 131 -3.32 15.54 18.92
N ASN B 132 -3.12 14.86 17.78
CA ASN B 132 -2.94 13.42 17.73
C ASN B 132 -1.46 13.09 17.85
N VAL B 133 -1.14 12.15 18.73
CA VAL B 133 0.22 11.72 19.01
C VAL B 133 0.30 10.23 18.70
N GLY B 134 0.87 9.91 17.55
CA GLY B 134 1.11 8.55 17.16
C GLY B 134 2.44 8.04 17.69
N VAL B 135 2.43 6.83 18.23
CA VAL B 135 3.64 6.15 18.66
C VAL B 135 3.75 4.85 17.88
N PHE B 136 4.89 4.65 17.21
CA PHE B 136 5.09 3.46 16.37
C PHE B 136 5.50 2.30 17.25
N LEU B 137 4.60 1.32 17.43
CA LEU B 137 4.95 0.10 18.15
C LEU B 137 5.48 -0.98 17.21
N SER B 138 5.48 -0.71 15.91
CA SER B 138 6.10 -1.51 14.88
C SER B 138 6.92 -0.56 14.03
N ASP B 139 7.93 -1.10 13.35
CA ASP B 139 8.56 -0.34 12.30
C ASP B 139 7.50 -0.03 11.24
N VAL B 140 7.46 1.21 10.77
CA VAL B 140 6.49 1.64 9.78
C VAL B 140 7.27 1.89 8.50
N THR B 141 6.91 1.15 7.45
CA THR B 141 7.58 1.22 6.16
C THR B 141 6.54 1.52 5.07
N GLU B 142 6.99 1.58 3.81
CA GLU B 142 6.05 1.72 2.73
C GLU B 142 5.18 0.48 2.52
N PHE B 143 5.52 -0.64 3.15
CA PHE B 143 4.95 -1.91 2.83
C PHE B 143 3.89 -2.38 3.81
N ASN B 144 3.76 -1.76 4.98
CA ASN B 144 2.84 -2.31 5.98
C ASN B 144 1.72 -1.35 6.33
N GLY B 145 1.23 -0.61 5.34
CA GLY B 145 0.06 0.23 5.48
C GLY B 145 0.22 1.42 6.38
N PRO B 146 1.21 2.26 6.10
CA PRO B 146 1.43 3.47 6.90
C PRO B 146 0.30 4.45 6.74
N VAL B 147 0.15 5.32 7.73
CA VAL B 147 -0.73 6.46 7.54
C VAL B 147 -0.18 7.31 6.40
N VAL B 148 -1.08 7.71 5.52
CA VAL B 148 -0.77 8.65 4.46
C VAL B 148 -1.51 9.93 4.76
N PHE B 149 -0.82 11.05 4.68
CA PHE B 149 -1.41 12.38 4.87
C PHE B 149 -1.48 13.11 3.53
N LEU B 150 -2.50 13.95 3.38
CA LEU B 150 -2.48 14.97 2.32
C LEU B 150 -1.80 16.19 2.95
N SER B 151 -0.56 16.41 2.57
CA SER B 151 0.29 17.38 3.25
C SER B 151 -0.35 18.78 3.22
N GLY B 152 -0.46 19.41 4.39
CA GLY B 152 -1.00 20.75 4.49
C GLY B 152 -2.50 20.85 4.43
N SER B 153 -3.22 19.71 4.37
CA SER B 153 -4.65 19.82 4.11
C SER B 153 -5.43 20.28 5.32
N HIS B 154 -4.80 20.31 6.49
CA HIS B 154 -5.46 20.85 7.67
C HIS B 154 -5.71 22.34 7.52
N GLN B 155 -4.97 23.03 6.65
CA GLN B 155 -5.21 24.44 6.44
C GLN B 155 -6.57 24.71 5.81
N ARG B 156 -7.24 23.70 5.26
CA ARG B 156 -8.56 23.93 4.70
C ARG B 156 -9.65 23.92 5.77
N GLY B 157 -9.31 23.71 7.03
CA GLY B 157 -10.31 23.53 8.04
C GLY B 157 -11.14 22.29 7.73
N THR B 158 -12.32 22.27 8.34
CA THR B 158 -13.19 21.12 8.24
C THR B 158 -13.94 21.13 6.91
N VAL B 159 -13.88 19.99 6.22
CA VAL B 159 -14.62 19.77 4.97
C VAL B 159 -15.95 19.16 5.36
N GLU B 160 -17.01 19.98 5.27
CA GLU B 160 -18.30 19.58 5.81
C GLU B 160 -18.89 18.41 5.03
N ARG B 161 -19.60 17.56 5.79
CA ARG B 161 -20.30 16.39 5.28
C ARG B 161 -21.27 15.93 6.36
N LYS B 162 -22.20 15.07 5.95
CA LYS B 162 -23.07 14.33 6.86
C LYS B 162 -22.54 12.91 7.00
N ALA B 163 -22.65 12.35 8.20
CA ALA B 163 -22.29 10.95 8.41
C ALA B 163 -23.11 10.05 7.51
N ARG B 164 -22.54 8.88 7.17
CA ARG B 164 -23.27 7.87 6.41
C ARG B 164 -24.53 7.44 7.16
N GLU B 165 -25.58 7.13 6.39
CA GLU B 165 -26.85 6.73 7.00
C GLU B 165 -26.67 5.62 8.03
N THR B 166 -25.79 4.67 7.74
CA THR B 166 -25.54 3.54 8.61
C THR B 166 -24.08 3.53 9.02
N SER B 167 -23.82 3.15 10.27
CA SER B 167 -22.47 3.05 10.79
C SER B 167 -21.85 1.69 10.48
N ARG B 168 -20.55 1.70 10.22
CA ARG B 168 -19.85 0.43 10.04
C ARG B 168 -19.73 -0.35 11.35
N SER B 169 -19.62 0.34 12.48
CA SER B 169 -19.41 -0.30 13.77
C SER B 169 -20.29 0.36 14.81
N ASP B 170 -20.81 -0.43 15.76
CA ASP B 170 -21.46 0.14 16.92
C ASP B 170 -20.53 0.24 18.13
N GLN B 171 -19.25 -0.06 18.00
CA GLN B 171 -18.33 0.07 19.13
C GLN B 171 -17.53 1.37 19.11
N HIS B 172 -17.40 1.99 17.95
CA HIS B 172 -16.74 3.27 17.75
C HIS B 172 -17.22 3.78 16.41
N VAL B 173 -16.76 4.97 16.03
CA VAL B 173 -17.08 5.52 14.73
C VAL B 173 -15.92 5.15 13.82
N ASP B 174 -16.12 4.17 12.94
CA ASP B 174 -15.12 3.90 11.93
C ASP B 174 -15.03 5.11 11.00
N PRO B 175 -13.83 5.56 10.65
CA PRO B 175 -13.69 6.73 9.77
C PRO B 175 -14.48 6.63 8.50
N ASP B 176 -14.76 5.41 8.04
CA ASP B 176 -15.50 5.24 6.79
C ASP B 176 -16.87 5.92 6.87
N ASP B 177 -17.44 6.02 8.08
CA ASP B 177 -18.71 6.72 8.28
C ASP B 177 -18.63 8.17 7.87
N TYR B 178 -17.41 8.74 7.84
CA TYR B 178 -17.20 10.14 7.47
C TYR B 178 -16.18 10.25 6.35
N SER B 179 -16.16 9.30 5.44
CA SER B 179 -15.05 9.28 4.50
C SER B 179 -15.13 10.43 3.51
N MET B 180 -13.95 10.88 3.07
CA MET B 180 -13.83 11.83 1.99
C MET B 180 -14.33 11.22 0.69
N THR B 181 -14.90 12.07 -0.17
CA THR B 181 -15.37 11.56 -1.45
C THR B 181 -14.21 11.50 -2.43
N PRO B 182 -14.29 10.61 -3.43
CA PRO B 182 -13.27 10.64 -4.50
C PRO B 182 -13.13 12.01 -5.16
N ALA B 183 -14.24 12.72 -5.36
CA ALA B 183 -14.15 14.04 -5.97
C ALA B 183 -13.35 14.99 -5.09
N GLU B 184 -13.60 14.97 -3.78
CA GLU B 184 -12.84 15.83 -2.87
C GLU B 184 -11.35 15.50 -2.92
N LEU B 185 -11.04 14.22 -2.76
CA LEU B 185 -9.64 13.81 -2.72
C LEU B 185 -8.95 14.11 -4.03
N SER B 186 -9.62 13.87 -5.16
CA SER B 186 -9.02 14.17 -6.46
C SER B 186 -8.72 15.65 -6.60
N GLN B 187 -9.63 16.50 -6.14
CA GLN B 187 -9.41 17.92 -6.27
C GLN B 187 -8.28 18.40 -5.36
N MET B 188 -8.17 17.84 -4.16
CA MET B 188 -7.26 18.42 -3.19
C MET B 188 -5.83 17.93 -3.27
N VAL B 189 -5.57 16.78 -3.90
CA VAL B 189 -4.25 16.19 -3.79
C VAL B 189 -3.20 16.95 -4.56
N GLU B 190 -3.58 17.75 -5.58
CA GLU B 190 -2.56 18.55 -6.26
C GLU B 190 -1.89 19.53 -5.32
N LYS B 191 -2.68 20.23 -4.51
CA LYS B 191 -2.14 21.21 -3.59
C LYS B 191 -1.63 20.58 -2.30
N HIS B 192 -2.16 19.41 -1.96
CA HIS B 192 -1.85 18.72 -0.72
C HIS B 192 -1.41 17.29 -1.03
N PRO B 193 -0.16 17.11 -1.44
CA PRO B 193 0.26 15.80 -1.92
C PRO B 193 0.39 14.77 -0.82
N MET B 194 0.30 13.52 -1.24
CA MET B 194 0.45 12.38 -0.35
C MET B 194 1.87 12.28 0.21
N VAL B 195 1.95 12.06 1.52
CA VAL B 195 3.22 11.82 2.20
C VAL B 195 2.95 10.82 3.31
N SER B 196 3.91 9.93 3.58
N SER B 196 3.90 9.91 3.53
CA SER B 196 3.74 8.91 4.62
CA SER B 196 3.78 8.91 4.61
C SER B 196 4.98 8.87 5.50
C SER B 196 5.04 8.97 5.46
N PRO B 197 4.94 9.40 6.71
CA PRO B 197 6.07 9.25 7.62
C PRO B 197 6.41 7.78 7.82
N LYS B 198 7.69 7.45 7.69
CA LYS B 198 8.18 6.10 7.88
C LYS B 198 9.36 6.14 8.82
N ALA B 199 9.43 5.18 9.76
CA ALA B 199 10.45 5.23 10.78
C ALA B 199 10.39 3.96 11.63
N ALA B 200 11.46 3.73 12.39
CA ALA B 200 11.55 2.54 13.22
C ALA B 200 10.61 2.68 14.41
N SER B 201 10.26 1.53 14.99
CA SER B 201 9.43 1.51 16.18
C SER B 201 10.06 2.39 17.26
N GLY B 202 9.19 3.00 18.08
CA GLY B 202 9.62 3.97 19.08
C GLY B 202 9.61 5.40 18.59
N SER B 203 9.35 5.62 17.31
CA SER B 203 9.21 6.98 16.80
C SER B 203 7.83 7.51 17.12
N VAL B 204 7.72 8.83 17.08
CA VAL B 204 6.51 9.58 17.43
C VAL B 204 6.11 10.43 16.25
N MET B 205 4.82 10.50 15.97
CA MET B 205 4.28 11.26 14.84
C MET B 205 3.14 12.12 15.37
N LEU B 206 3.32 13.43 15.44
CA LEU B 206 2.23 14.31 15.81
C LEU B 206 1.47 14.75 14.57
N PHE B 207 0.13 14.76 14.66
CA PHE B 207 -0.61 15.23 13.51
C PHE B 207 -1.91 15.90 13.93
N HIS B 208 -2.31 16.86 13.11
CA HIS B 208 -3.40 17.78 13.37
C HIS B 208 -4.76 17.09 13.16
N PRO B 209 -5.76 17.41 13.97
CA PRO B 209 -7.04 16.73 13.84
C PRO B 209 -7.85 17.10 12.59
N GLU B 210 -7.44 18.09 11.81
CA GLU B 210 -8.11 18.38 10.55
C GLU B 210 -7.29 17.98 9.32
N ILE B 211 -6.13 17.36 9.49
CA ILE B 211 -5.43 16.87 8.29
C ILE B 211 -6.17 15.67 7.71
N ILE B 212 -6.28 15.65 6.39
CA ILE B 212 -6.86 14.49 5.70
C ILE B 212 -5.86 13.35 5.69
N HIS B 213 -6.32 12.18 6.12
CA HIS B 213 -5.41 11.04 6.20
C HIS B 213 -6.18 9.73 6.08
N GLY B 214 -5.43 8.68 5.77
CA GLY B 214 -5.98 7.35 5.60
C GLY B 214 -4.82 6.35 5.50
N SER B 215 -5.16 5.09 5.28
CA SER B 215 -4.11 4.06 5.19
C SER B 215 -4.65 2.84 4.46
N ALA B 216 -3.75 2.11 3.84
CA ALA B 216 -4.09 1.00 2.95
C ALA B 216 -4.01 -0.33 3.69
N PRO B 217 -4.53 -1.41 3.09
CA PRO B 217 -4.41 -2.72 3.72
C PRO B 217 -2.96 -3.16 3.77
N ASN B 218 -2.63 -3.97 4.76
CA ASN B 218 -1.26 -4.40 4.97
C ASN B 218 -1.11 -5.81 4.39
N ILE B 219 -0.49 -5.90 3.21
CA ILE B 219 -0.26 -7.18 2.54
C ILE B 219 1.06 -7.82 2.92
N SER B 220 1.85 -7.15 3.73
CA SER B 220 3.21 -7.59 4.03
C SER B 220 3.21 -8.63 5.15
N PRO B 221 4.37 -9.23 5.42
CA PRO B 221 4.47 -10.17 6.52
C PRO B 221 4.69 -9.52 7.88
N PHE B 222 4.69 -8.19 7.94
CA PHE B 222 5.01 -7.45 9.15
C PHE B 222 3.79 -6.70 9.65
N ALA B 223 3.48 -6.83 10.93
CA ALA B 223 2.36 -6.11 11.52
C ALA B 223 2.68 -4.63 11.58
N ARG B 224 1.63 -3.83 11.73
CA ARG B 224 1.77 -2.38 11.90
C ARG B 224 0.89 -1.96 13.07
N ASP B 225 1.48 -1.92 14.27
CA ASP B 225 0.74 -1.52 15.47
C ASP B 225 0.99 -0.03 15.75
N LEU B 226 -0.04 0.79 15.59
CA LEU B 226 0.06 2.23 15.68
C LEU B 226 -0.78 2.69 16.87
N LEU B 227 -0.12 3.23 17.89
CA LEU B 227 -0.81 3.80 19.03
C LEU B 227 -1.02 5.29 18.80
N ILE B 228 -2.22 5.78 19.12
CA ILE B 228 -2.54 7.20 18.92
C ILE B 228 -3.20 7.73 20.18
N ILE B 229 -2.58 8.73 20.79
CA ILE B 229 -3.17 9.43 21.93
C ILE B 229 -3.62 10.79 21.44
N THR B 230 -4.89 11.12 21.66
CA THR B 230 -5.41 12.44 21.30
C THR B 230 -5.50 13.26 22.58
N TYR B 231 -4.63 14.26 22.67
CA TYR B 231 -4.66 15.20 23.79
C TYR B 231 -5.53 16.38 23.43
N ASN B 232 -6.34 16.82 24.39
CA ASN B 232 -7.28 17.91 24.18
C ASN B 232 -7.08 18.97 25.24
N ASP B 233 -7.26 20.23 24.83
CA ASP B 233 -7.34 21.38 25.73
C ASP B 233 -8.42 21.14 26.78
N VAL B 234 -8.05 21.33 28.06
CA VAL B 234 -8.98 21.09 29.15
C VAL B 234 -10.17 22.03 29.08
N ALA B 235 -10.05 23.17 28.40
CA ALA B 235 -11.16 24.10 28.22
C ALA B 235 -11.98 23.80 26.98
N ASN B 236 -11.66 22.72 26.26
CA ASN B 236 -12.31 22.35 25.00
C ASN B 236 -13.04 21.01 25.15
N ALA B 237 -13.56 20.74 26.34
CA ALA B 237 -14.20 19.46 26.57
C ALA B 237 -15.48 19.32 25.77
N PRO B 238 -15.81 18.10 25.32
CA PRO B 238 -17.06 17.87 24.59
C PRO B 238 -18.27 18.33 25.38
N LYS B 239 -19.21 18.91 24.65
CA LYS B 239 -20.49 19.36 25.19
C LYS B 239 -21.58 18.60 24.46
N PRO B 240 -21.73 17.31 24.76
CA PRO B 240 -22.68 16.50 23.99
C PRO B 240 -24.10 16.94 24.25
N ALA B 241 -24.93 16.85 23.21
CA ALA B 241 -26.34 17.19 23.34
C ALA B 241 -27.16 16.00 23.82
N GLY B 242 -26.72 14.77 23.54
CA GLY B 242 -27.39 13.58 23.99
C GLY B 242 -26.59 12.80 25.02
N GLU B 243 -26.94 11.52 25.16
CA GLU B 243 -26.19 10.64 26.04
C GLU B 243 -24.76 10.52 25.53
N PRO B 244 -23.75 10.76 26.35
CA PRO B 244 -22.36 10.63 25.89
C PRO B 244 -21.96 9.20 25.59
N ARG B 245 -21.06 9.08 24.63
CA ARG B 245 -20.48 7.79 24.33
C ARG B 245 -19.65 7.30 25.52
N PRO B 246 -19.30 6.01 25.52
CA PRO B 246 -18.58 5.46 26.65
C PRO B 246 -17.23 6.13 26.88
N GLU B 247 -16.79 6.10 28.14
CA GLU B 247 -15.52 6.68 28.53
C GLU B 247 -14.33 5.98 27.88
N TYR B 248 -14.46 4.71 27.49
CA TYR B 248 -13.36 4.03 26.82
C TYR B 248 -13.04 4.66 25.46
N VAL B 249 -14.01 5.32 24.83
CA VAL B 249 -13.75 5.95 23.56
C VAL B 249 -13.61 7.48 23.66
N ILE B 250 -14.33 8.15 24.57
CA ILE B 250 -14.24 9.60 24.69
C ILE B 250 -14.00 9.97 26.16
N GLY B 251 -12.88 10.60 26.42
CA GLY B 251 -12.50 10.90 27.78
C GLY B 251 -13.40 11.97 28.40
N ARG B 252 -13.63 11.81 29.71
CA ARG B 252 -14.44 12.73 30.48
C ARG B 252 -13.69 13.44 31.60
N ASP B 253 -12.59 12.87 32.09
CA ASP B 253 -11.85 13.45 33.22
C ASP B 253 -10.88 14.49 32.68
N THR B 254 -11.22 15.76 32.86
CA THR B 254 -10.41 16.86 32.33
C THR B 254 -9.35 17.36 33.30
N THR B 255 -9.02 16.59 34.33
CA THR B 255 -7.91 16.98 35.19
C THR B 255 -6.64 17.16 34.34
N PRO B 256 -5.97 18.29 34.44
CA PRO B 256 -4.75 18.49 33.64
C PRO B 256 -3.70 17.41 33.93
N LEU B 257 -3.14 16.85 32.86
CA LEU B 257 -2.05 15.89 33.02
C LEU B 257 -0.77 16.57 33.45
N VAL B 258 -0.01 15.89 34.31
CA VAL B 258 1.32 16.33 34.72
C VAL B 258 2.34 15.39 34.10
N SER B 259 3.28 15.94 33.35
CA SER B 259 4.20 15.08 32.64
C SER B 259 5.26 14.54 33.58
N ARG B 260 5.79 13.39 33.20
CA ARG B 260 6.84 12.73 33.97
C ARG B 260 8.02 12.43 33.05
N SER B 261 9.20 12.56 33.60
CA SER B 261 10.40 12.17 32.87
C SER B 261 10.84 10.80 33.32
N GLY B 262 11.58 10.13 32.45
CA GLY B 262 12.15 8.86 32.81
C GLY B 262 11.71 7.76 31.89
N PRO B 263 12.34 6.60 32.02
CA PRO B 263 12.04 5.48 31.14
C PRO B 263 10.75 4.79 31.49
N LEU B 264 10.12 4.26 30.46
CA LEU B 264 8.96 3.38 30.64
C LEU B 264 9.39 2.00 31.11
N HIS B 265 8.60 1.37 31.97
CA HIS B 265 8.91 0.04 32.49
C HIS B 265 7.65 -0.78 32.85
CO CO C . 3.05 -12.18 -11.62
C1 AKG D . 0.89 -10.76 -12.81
O1 AKG D . 1.61 -11.78 -13.07
O2 AKG D . -0.13 -10.45 -13.49
C2 AKG D . 1.29 -9.89 -11.63
O5 AKG D . 2.22 -10.20 -10.95
C3 AKG D . 0.43 -8.69 -11.29
C4 AKG D . 1.22 -7.63 -10.65
C5 AKG D . 0.52 -6.29 -10.64
O3 AKG D . 0.63 -5.59 -9.63
O4 AKG D . -0.12 -5.92 -11.67
H31 AKG D . -0.28 -8.96 -10.68
H32 AKG D . 0.01 -8.34 -12.10
H41 AKG D . 1.43 -7.88 -9.73
H42 AKG D . 2.05 -7.54 -11.15
N LEU E . -2.91 -14.36 -15.23
CA LEU E . -1.82 -15.22 -15.79
C LEU E . -2.38 -16.30 -16.69
O LEU E . -3.59 -16.51 -16.71
CB LEU E . -1.00 -15.84 -14.63
CG LEU E . -0.09 -14.90 -13.83
CD1 LEU E . 0.46 -15.55 -12.59
CD2 LEU E . 1.05 -14.42 -14.73
OXT LEU E . -1.59 -16.94 -17.42
H1 LEU E . -2.56 -13.63 -14.85
H2 LEU E . -3.46 -14.11 -15.88
H3 LEU E . -3.37 -14.81 -14.61
HA LEU E . -1.22 -14.66 -16.31
HB2 LEU E . -1.62 -16.24 -14.00
HB3 LEU E . -0.43 -16.53 -15.01
HG LEU E . -0.60 -14.11 -13.56
HD11 LEU E . 1.02 -14.92 -12.11
HD12 LEU E . -0.28 -15.82 -12.02
HD13 LEU E . 0.98 -16.33 -12.84
HD21 LEU E . 1.64 -13.83 -14.22
HD22 LEU E . 1.56 -15.19 -15.03
HD23 LEU E . 0.69 -13.96 -15.50
CO CO F . -7.97 9.55 11.85
C1 AKG G . -7.89 7.03 13.13
O1 AKG G . -8.22 5.99 13.78
O2 AKG G . -8.28 8.20 13.41
C2 AKG G . -7.03 6.88 11.91
O5 AKG G . -6.80 7.87 11.29
C3 AKG G . -6.55 5.49 11.51
C4 AKG G . -5.18 5.55 10.91
C5 AKG G . -4.49 4.20 10.84
O3 AKG G . -4.41 3.47 11.87
O4 AKG G . -3.95 3.85 9.75
H31 AKG G . -7.17 5.12 10.86
H32 AKG G . -6.55 4.91 12.29
H41 AKG G . -5.22 5.94 10.03
H42 AKG G . -4.64 6.12 11.48
N LEU H . -12.80 6.05 15.93
CA LEU H . -12.88 7.42 16.48
C LEU H . -14.03 7.57 17.47
O LEU H . -14.89 6.67 17.58
CB LEU H . -13.06 8.40 15.32
CG LEU H . -11.81 8.63 14.44
CD1 LEU H . -12.18 9.41 13.15
CD2 LEU H . -10.78 9.39 15.19
OXT LEU H . -14.10 8.62 18.11
H1 LEU H . -12.07 5.98 15.42
H2 LEU H . -12.74 5.46 16.60
H3 LEU H . -13.52 5.88 15.45
HA LEU H . -12.04 7.62 16.93
HB2 LEU H . -13.77 8.07 14.75
HB3 LEU H . -13.31 9.26 15.70
HG LEU H . -11.43 7.77 14.18
HD11 LEU H . -11.38 9.53 12.61
HD12 LEU H . -12.83 8.90 12.65
HD13 LEU H . -12.55 10.27 13.40
HD21 LEU H . -10.01 9.52 14.62
HD22 LEU H . -11.16 10.25 15.45
HD23 LEU H . -10.54 8.89 15.98
NA NA I . 8.59 9.39 30.63
#